data_4JPA
#
_entry.id   4JPA
#
_cell.length_a   134.771
_cell.length_b   35.986
_cell.length_c   101.492
_cell.angle_alpha   90.00
_cell.angle_beta   134.99
_cell.angle_gamma   90.00
#
_symmetry.space_group_name_H-M   'C 1 2 1'
#
loop_
_entity.id
_entity.type
_entity.pdbx_description
1 polymer 'Collagenase 3'
2 non-polymer 'ZINC ION'
3 non-polymer 'CALCIUM ION'
4 non-polymer 'SODIUM ION'
5 non-polymer 3-[({2-[4-({[(4S)-4-methyl-2,5-dioxoimidazolidin-4-yl]methyl}sulfonyl)piperazin-1-yl]pyrimidin-5-yl}oxy)methyl]benzonitrile
6 water water
#
_entity_poly.entity_id   1
_entity_poly.type   'polypeptide(L)'
_entity_poly.pdbx_seq_one_letter_code
;MEYNVFPRTLKWSKMNLTYRIVNYTPDMTHSEVEKAFKKAFKVWSDVTPLNFTRLHDGIADIMISFGIKEHGDFYPFDGP
SGLLAHAFPPGPNYGGDAHFDDDETWTSSSKGYNLFLVAAHEFGHSLGLDHSKDPGALMFPIYTYTGKSHFMLPDDDVQG
IQSLYGPGDEDPN
;
_entity_poly.pdbx_strand_id   A,B
#
# COMPACT_ATOMS: atom_id res chain seq x y z
N TYR A 3 10.79 -15.46 9.59
CA TYR A 3 9.70 -14.98 8.70
C TYR A 3 8.97 -13.78 9.30
N ASN A 4 8.14 -13.13 8.50
CA ASN A 4 7.28 -12.04 8.94
C ASN A 4 5.97 -12.05 8.17
N VAL A 5 4.86 -12.08 8.88
CA VAL A 5 3.55 -11.87 8.27
C VAL A 5 3.29 -10.36 8.23
N PHE A 6 2.38 -9.92 7.36
CA PHE A 6 2.04 -8.52 7.25
C PHE A 6 1.45 -7.99 8.55
N PRO A 7 1.70 -6.71 8.87
CA PRO A 7 1.12 -6.09 10.08
C PRO A 7 -0.40 -6.24 10.17
N ARG A 8 -0.91 -6.19 11.40
CA ARG A 8 -2.35 -6.27 11.68
C ARG A 8 -3.14 -5.14 11.02
N THR A 9 -2.62 -3.92 11.15
CA THR A 9 -3.27 -2.72 10.63
C THR A 9 -2.34 -2.04 9.62
N LEU A 10 -2.94 -1.24 8.75
CA LEU A 10 -2.18 -0.38 7.85
C LEU A 10 -1.57 0.76 8.65
N LYS A 11 -0.25 0.72 8.86
CA LYS A 11 0.45 1.84 9.49
C LYS A 11 1.89 1.93 9.02
N TRP A 12 2.52 3.07 9.28
CA TRP A 12 3.93 3.24 8.97
C TRP A 12 4.76 2.38 9.93
N SER A 13 5.71 1.64 9.37
CA SER A 13 6.59 0.78 10.18
C SER A 13 7.71 1.58 10.86
N LYS A 14 7.80 2.87 10.53
CA LYS A 14 8.82 3.74 11.10
C LYS A 14 8.16 4.96 11.72
N MET A 15 8.83 5.55 12.72
CA MET A 15 8.30 6.72 13.42
C MET A 15 8.77 8.02 12.78
N ASN A 16 9.94 7.99 12.14
CA ASN A 16 10.48 9.16 11.42
C ASN A 16 9.90 9.23 10.01
N LEU A 17 8.98 10.17 9.79
CA LEU A 17 8.35 10.33 8.48
C LEU A 17 8.72 11.66 7.89
N THR A 18 8.88 11.69 6.56
CA THR A 18 9.17 12.91 5.83
C THR A 18 7.95 13.34 5.05
N TYR A 19 7.85 14.64 4.82
CA TYR A 19 6.89 15.17 3.88
C TYR A 19 7.50 16.20 2.96
N ARG A 20 6.91 16.35 1.78
CA ARG A 20 7.35 17.33 0.79
C ARG A 20 6.14 18.09 0.25
N ILE A 21 6.23 19.42 0.28
CA ILE A 21 5.24 20.27 -0.36
C ILE A 21 5.68 20.46 -1.82
N VAL A 22 5.04 19.71 -2.72
CA VAL A 22 5.46 19.62 -4.12
C VAL A 22 5.18 20.92 -4.87
N ASN A 23 4.06 21.55 -4.54
CA ASN A 23 3.67 22.82 -5.13
C ASN A 23 2.74 23.56 -4.15
N TYR A 24 2.34 24.77 -4.53
CA TYR A 24 1.64 25.67 -3.63
C TYR A 24 0.40 26.28 -4.28
N THR A 25 -0.62 26.51 -3.44
CA THR A 25 -1.86 27.14 -3.86
C THR A 25 -1.67 28.63 -4.17
N PRO A 26 -2.45 29.17 -5.12
CA PRO A 26 -2.45 30.61 -5.33
C PRO A 26 -2.94 31.43 -4.11
N ASP A 27 -3.73 30.81 -3.23
CA ASP A 27 -4.53 31.55 -2.26
C ASP A 27 -3.78 32.07 -1.02
N MET A 28 -2.64 31.45 -0.72
CA MET A 28 -1.88 31.74 0.49
C MET A 28 -0.40 31.84 0.17
N THR A 29 0.36 32.53 1.02
CA THR A 29 1.80 32.62 0.82
C THR A 29 2.45 31.26 1.07
N HIS A 30 3.69 31.10 0.63
CA HIS A 30 4.44 29.88 0.89
C HIS A 30 4.53 29.64 2.39
N SER A 31 4.81 30.73 3.12
CA SER A 31 4.93 30.69 4.58
C SER A 31 3.65 30.21 5.26
N GLU A 32 2.51 30.77 4.85
CA GLU A 32 1.21 30.39 5.40
C GLU A 32 0.89 28.92 5.19
N VAL A 33 1.21 28.42 4.00
CA VAL A 33 1.00 27.01 3.66
C VAL A 33 1.91 26.11 4.50
N GLU A 34 3.18 26.51 4.59
CA GLU A 34 4.15 25.79 5.42
C GLU A 34 3.74 25.79 6.89
N LYS A 35 3.27 26.92 7.39
CA LYS A 35 2.84 27.02 8.80
C LYS A 35 1.65 26.11 9.07
N ALA A 36 0.69 26.09 8.15
CA ALA A 36 -0.51 25.29 8.32
C ALA A 36 -0.20 23.80 8.32
N PHE A 37 0.67 23.34 7.43
CA PHE A 37 1.02 21.91 7.38
C PHE A 37 1.85 21.50 8.60
N LYS A 38 2.78 22.35 9.03
CA LYS A 38 3.61 22.05 10.19
C LYS A 38 2.72 21.89 11.44
N LYS A 39 1.77 22.81 11.61
CA LYS A 39 0.79 22.74 12.69
C LYS A 39 -0.08 21.49 12.62
N ALA A 40 -0.50 21.12 11.41
CA ALA A 40 -1.37 19.95 11.19
C ALA A 40 -0.63 18.64 11.48
N PHE A 41 0.66 18.58 11.17
CA PHE A 41 1.47 17.42 11.54
C PHE A 41 1.71 17.35 13.05
N LYS A 42 1.89 18.52 13.67
CA LYS A 42 2.13 18.62 15.12
C LYS A 42 0.93 18.14 15.96
N VAL A 43 -0.27 18.28 15.41
CA VAL A 43 -1.47 17.73 16.02
C VAL A 43 -1.28 16.24 16.30
N TRP A 44 -0.68 15.51 15.36
CA TRP A 44 -0.50 14.06 15.49
C TRP A 44 0.79 13.67 16.20
N SER A 45 1.89 14.37 15.93
CA SER A 45 3.17 14.05 16.59
C SER A 45 3.10 14.31 18.11
N ASP A 46 2.32 15.31 18.54
CA ASP A 46 2.16 15.60 19.97
C ASP A 46 1.57 14.46 20.81
N VAL A 47 0.78 13.58 20.18
CA VAL A 47 0.11 12.51 20.93
C VAL A 47 0.54 11.10 20.51
N THR A 48 1.71 11.01 19.87
CA THR A 48 2.30 9.75 19.40
C THR A 48 3.82 9.89 19.45
N PRO A 49 4.59 8.83 19.13
CA PRO A 49 6.05 9.00 18.97
C PRO A 49 6.48 9.39 17.54
N LEU A 50 5.52 9.69 16.68
CA LEU A 50 5.80 10.08 15.29
C LEU A 50 6.55 11.41 15.22
N ASN A 51 7.55 11.46 14.34
CA ASN A 51 8.32 12.67 14.06
C ASN A 51 8.14 13.03 12.58
N PHE A 52 7.98 14.31 12.28
CA PHE A 52 7.78 14.77 10.90
C PHE A 52 8.82 15.80 10.49
N THR A 53 9.52 15.50 9.39
CA THR A 53 10.51 16.40 8.83
C THR A 53 10.21 16.74 7.37
N ARG A 54 10.35 18.02 7.04
CA ARG A 54 10.05 18.53 5.71
C ARG A 54 11.25 18.35 4.77
N LEU A 55 10.99 17.77 3.60
CA LEU A 55 11.99 17.70 2.53
C LEU A 55 11.61 18.70 1.44
N HIS A 56 12.60 19.42 0.92
CA HIS A 56 12.36 20.45 -0.11
C HIS A 56 12.26 19.87 -1.51
N ASP A 57 12.94 18.74 -1.71
CA ASP A 57 12.95 18.05 -2.99
C ASP A 57 13.08 16.55 -2.74
N GLY A 58 12.96 15.76 -3.80
CA GLY A 58 13.15 14.31 -3.71
C GLY A 58 11.93 13.58 -3.20
N ILE A 59 12.10 12.30 -2.88
CA ILE A 59 10.99 11.45 -2.50
C ILE A 59 10.78 11.48 -0.98
N ALA A 60 9.64 11.98 -0.55
CA ALA A 60 9.24 11.95 0.85
C ALA A 60 8.13 10.93 1.01
N ASP A 61 7.85 10.57 2.26
CA ASP A 61 6.79 9.61 2.57
C ASP A 61 5.42 10.19 2.25
N ILE A 62 5.22 11.44 2.68
CA ILE A 62 3.94 12.12 2.48
C ILE A 62 4.15 13.27 1.50
N MET A 63 3.83 13.01 0.23
CA MET A 63 3.97 14.00 -0.82
C MET A 63 2.68 14.79 -0.86
N ILE A 64 2.79 16.10 -0.67
CA ILE A 64 1.65 17.01 -0.62
C ILE A 64 1.61 17.83 -1.90
N SER A 65 0.44 17.96 -2.50
CA SER A 65 0.29 18.73 -3.72
C SER A 65 -1.10 19.33 -3.83
N PHE A 66 -1.17 20.42 -4.59
CA PHE A 66 -2.41 21.08 -4.95
C PHE A 66 -2.67 20.82 -6.44
N GLY A 67 -3.89 20.47 -6.78
CA GLY A 67 -4.22 20.13 -8.16
C GLY A 67 -5.70 20.27 -8.43
N ILE A 68 -6.08 20.25 -9.69
CA ILE A 68 -7.48 20.33 -10.08
C ILE A 68 -7.87 19.19 -11.00
N LYS A 69 -9.16 18.86 -11.00
CA LYS A 69 -9.73 17.85 -11.87
C LYS A 69 -8.84 16.60 -11.91
N GLU A 70 -8.49 16.11 -13.10
CA GLU A 70 -7.61 14.94 -13.20
C GLU A 70 -6.18 15.38 -12.90
N HIS A 71 -5.60 14.82 -11.86
CA HIS A 71 -4.26 15.22 -11.39
C HIS A 71 -3.32 14.04 -11.12
N GLY A 72 -3.68 12.85 -11.62
CA GLY A 72 -2.74 11.71 -11.63
C GLY A 72 -3.08 10.51 -10.76
N ASP A 73 -4.37 10.33 -10.45
CA ASP A 73 -4.83 9.17 -9.69
C ASP A 73 -6.29 8.84 -10.03
N PHE A 74 -6.90 7.90 -9.30
CA PHE A 74 -8.27 7.47 -9.58
C PHE A 74 -9.33 8.34 -8.92
N TYR A 75 -8.92 9.47 -8.33
CA TYR A 75 -9.82 10.31 -7.56
C TYR A 75 -9.77 11.74 -8.07
N PRO A 76 -10.27 11.97 -9.29
CA PRO A 76 -10.27 13.32 -9.86
C PRO A 76 -11.04 14.29 -8.99
N PHE A 77 -10.57 15.54 -8.94
CA PHE A 77 -11.30 16.59 -8.24
C PHE A 77 -12.44 17.08 -9.14
N ASP A 78 -13.27 17.96 -8.59
CA ASP A 78 -14.59 18.23 -9.16
C ASP A 78 -14.95 19.72 -9.19
N GLY A 79 -13.94 20.59 -9.23
CA GLY A 79 -14.18 22.03 -9.24
C GLY A 79 -14.51 22.53 -7.84
N PRO A 80 -15.06 23.77 -7.74
CA PRO A 80 -15.36 24.30 -6.41
C PRO A 80 -16.37 23.47 -5.61
N SER A 81 -16.18 23.45 -4.29
CA SER A 81 -16.97 22.67 -3.33
C SER A 81 -16.97 21.18 -3.65
N GLY A 82 -17.87 20.41 -3.04
CA GLY A 82 -17.86 18.96 -3.14
C GLY A 82 -16.58 18.42 -2.51
N LEU A 83 -15.86 17.59 -3.26
CA LEU A 83 -14.59 17.05 -2.80
C LEU A 83 -13.55 18.17 -2.59
N LEU A 84 -13.03 18.28 -1.36
CA LEU A 84 -12.03 19.31 -1.01
C LEU A 84 -10.60 18.80 -1.12
N ALA A 85 -10.40 17.52 -0.83
CA ALA A 85 -9.09 16.92 -0.74
C ALA A 85 -9.23 15.44 -0.50
N HIS A 86 -8.11 14.72 -0.59
CA HIS A 86 -8.04 13.33 -0.21
C HIS A 86 -6.61 12.92 0.03
N ALA A 87 -6.45 11.83 0.76
CA ALA A 87 -5.15 11.32 1.14
C ALA A 87 -5.21 9.81 1.16
N PHE A 88 -4.09 9.16 0.84
CA PHE A 88 -4.04 7.70 0.75
C PHE A 88 -3.47 7.11 2.04
N PRO A 89 -3.92 5.90 2.41
CA PRO A 89 -3.41 5.26 3.62
C PRO A 89 -1.92 4.96 3.54
N PRO A 90 -1.28 4.69 4.69
CA PRO A 90 0.15 4.37 4.71
C PRO A 90 0.51 3.26 3.72
N GLY A 91 1.67 3.40 3.09
CA GLY A 91 2.10 2.47 2.06
C GLY A 91 3.09 3.12 1.11
N PRO A 92 3.61 2.33 0.15
CA PRO A 92 4.60 2.83 -0.80
C PRO A 92 3.99 3.76 -1.86
N ASN A 93 4.85 4.55 -2.52
CA ASN A 93 4.44 5.42 -3.62
C ASN A 93 3.35 6.43 -3.20
N TYR A 94 2.16 6.32 -3.76
CA TYR A 94 1.07 7.25 -3.44
C TYR A 94 0.50 7.08 -2.03
N GLY A 95 0.80 5.96 -1.39
CA GLY A 95 0.51 5.78 0.03
C GLY A 95 1.01 6.95 0.86
N GLY A 96 0.16 7.44 1.75
CA GLY A 96 0.50 8.59 2.58
C GLY A 96 0.31 9.96 1.95
N ASP A 97 0.23 10.02 0.62
CA ASP A 97 0.21 11.31 -0.08
C ASP A 97 -1.12 12.02 0.12
N ALA A 98 -1.06 13.35 0.12
CA ALA A 98 -2.23 14.19 0.35
C ALA A 98 -2.37 15.19 -0.80
N HIS A 99 -3.56 15.22 -1.40
CA HIS A 99 -3.86 16.10 -2.53
C HIS A 99 -4.98 17.03 -2.14
N PHE A 100 -4.83 18.31 -2.47
CA PHE A 100 -5.82 19.33 -2.16
C PHE A 100 -6.40 19.93 -3.44
N ASP A 101 -7.72 20.10 -3.47
CA ASP A 101 -8.40 20.63 -4.64
C ASP A 101 -8.19 22.15 -4.72
N ASP A 102 -7.42 22.60 -5.71
CA ASP A 102 -7.12 24.03 -5.79
C ASP A 102 -8.19 24.83 -6.54
N ASP A 103 -9.34 24.21 -6.82
CA ASP A 103 -10.55 24.98 -7.15
C ASP A 103 -11.31 25.40 -5.88
N GLU A 104 -10.81 25.01 -4.70
CA GLU A 104 -11.32 25.55 -3.44
C GLU A 104 -10.52 26.79 -3.10
N THR A 105 -11.10 27.67 -2.29
CA THR A 105 -10.35 28.78 -1.71
C THR A 105 -9.82 28.34 -0.36
N TRP A 106 -8.48 28.28 -0.27
CA TRP A 106 -7.81 27.88 0.95
C TRP A 106 -7.38 29.11 1.74
N THR A 107 -7.56 29.04 3.06
CA THR A 107 -7.31 30.18 3.92
C THR A 107 -6.62 29.75 5.20
N SER A 108 -5.99 30.72 5.85
CA SER A 108 -5.46 30.53 7.19
C SER A 108 -6.48 31.00 8.24
N SER A 109 -7.67 31.39 7.79
CA SER A 109 -8.70 31.95 8.67
C SER A 109 -10.00 31.16 8.56
N SER A 110 -11.11 31.79 8.97
CA SER A 110 -12.45 31.18 8.92
C SER A 110 -13.03 31.18 7.51
N LYS A 111 -12.48 32.03 6.64
CA LYS A 111 -12.99 32.17 5.28
C LYS A 111 -12.63 30.94 4.44
N GLY A 112 -13.35 30.72 3.35
CA GLY A 112 -13.11 29.55 2.51
C GLY A 112 -12.98 28.29 3.35
N TYR A 113 -12.01 27.46 2.99
CA TYR A 113 -11.71 26.26 3.78
C TYR A 113 -10.36 26.42 4.45
N ASN A 114 -10.33 26.22 5.76
CA ASN A 114 -9.11 26.36 6.54
C ASN A 114 -8.12 25.23 6.18
N LEU A 115 -6.98 25.60 5.60
CA LEU A 115 -6.01 24.61 5.13
C LEU A 115 -5.49 23.74 6.27
N PHE A 116 -5.18 24.36 7.41
CA PHE A 116 -4.74 23.63 8.59
C PHE A 116 -5.72 22.52 8.98
N LEU A 117 -6.99 22.88 9.17
CA LEU A 117 -8.01 21.93 9.61
C LEU A 117 -8.21 20.79 8.62
N VAL A 118 -8.33 21.13 7.34
CA VAL A 118 -8.48 20.11 6.31
C VAL A 118 -7.21 19.24 6.23
N ALA A 119 -6.04 19.85 6.31
CA ALA A 119 -4.78 19.08 6.28
C ALA A 119 -4.63 18.13 7.47
N ALA A 120 -5.03 18.59 8.66
CA ALA A 120 -4.99 17.75 9.86
C ALA A 120 -5.86 16.51 9.65
N HIS A 121 -7.06 16.70 9.12
CA HIS A 121 -7.92 15.58 8.75
C HIS A 121 -7.25 14.66 7.71
N GLU A 122 -6.67 15.26 6.69
CA GLU A 122 -5.99 14.50 5.65
C GLU A 122 -4.82 13.69 6.20
N PHE A 123 -4.02 14.28 7.07
CA PHE A 123 -2.86 13.58 7.62
C PHE A 123 -3.30 12.44 8.54
N GLY A 124 -4.47 12.56 9.15
CA GLY A 124 -5.11 11.41 9.80
C GLY A 124 -5.23 10.21 8.86
N HIS A 125 -5.67 10.46 7.63
CA HIS A 125 -5.74 9.40 6.60
C HIS A 125 -4.35 8.90 6.23
N SER A 126 -3.44 9.84 5.96
CA SER A 126 -2.05 9.50 5.62
C SER A 126 -1.38 8.60 6.66
N LEU A 127 -1.80 8.73 7.91
CA LEU A 127 -1.23 7.96 9.02
C LEU A 127 -1.96 6.66 9.34
N GLY A 128 -3.16 6.49 8.79
CA GLY A 128 -3.88 5.20 8.90
C GLY A 128 -5.25 5.25 9.53
N LEU A 129 -5.80 6.44 9.76
CA LEU A 129 -7.17 6.58 10.27
C LEU A 129 -8.16 6.78 9.15
N ASP A 130 -9.28 6.06 9.24
CA ASP A 130 -10.41 6.24 8.35
C ASP A 130 -11.38 7.18 9.08
N HIS A 131 -12.66 7.15 8.76
CA HIS A 131 -13.60 8.10 9.35
C HIS A 131 -14.21 7.62 10.68
N SER A 132 -14.58 8.59 11.50
CA SER A 132 -15.14 8.35 12.82
C SER A 132 -16.63 8.64 12.81
N LYS A 133 -17.37 7.96 13.69
CA LYS A 133 -18.79 8.25 13.88
C LYS A 133 -19.00 9.20 15.06
N ASP A 134 -17.93 9.55 15.76
CA ASP A 134 -18.00 10.55 16.81
C ASP A 134 -18.15 11.91 16.13
N PRO A 135 -19.28 12.60 16.34
CA PRO A 135 -19.50 13.89 15.65
C PRO A 135 -18.53 15.02 16.04
N GLY A 136 -17.79 14.87 17.14
CA GLY A 136 -16.79 15.87 17.53
C GLY A 136 -15.40 15.59 17.00
N ALA A 137 -15.21 14.42 16.38
CA ALA A 137 -13.90 13.98 15.93
C ALA A 137 -13.39 14.77 14.73
N LEU A 138 -12.07 14.98 14.70
CA LEU A 138 -11.39 15.51 13.52
C LEU A 138 -11.64 14.63 12.29
N MET A 139 -11.68 13.32 12.49
CA MET A 139 -11.93 12.37 11.40
C MET A 139 -13.41 12.12 11.11
N PHE A 140 -14.31 12.88 11.74
CA PHE A 140 -15.72 12.88 11.37
C PHE A 140 -15.79 13.62 10.03
N PRO A 141 -16.29 12.96 8.98
CA PRO A 141 -16.08 13.46 7.61
C PRO A 141 -17.00 14.61 7.22
N ILE A 142 -17.08 15.62 8.08
CA ILE A 142 -17.78 16.86 7.76
C ILE A 142 -16.94 18.03 8.25
N TYR A 143 -16.65 18.95 7.33
CA TYR A 143 -15.87 20.13 7.66
C TYR A 143 -16.66 21.07 8.55
N THR A 144 -16.03 21.54 9.62
CA THR A 144 -16.51 22.67 10.39
C THR A 144 -15.30 23.45 10.85
N TYR A 145 -15.49 24.72 11.20
CA TYR A 145 -14.41 25.56 11.67
C TYR A 145 -14.75 26.18 13.02
N HIS A 150 -7.43 28.22 19.18
CA HIS A 150 -6.71 27.12 19.81
C HIS A 150 -7.40 25.78 19.55
N PHE A 151 -6.90 25.03 18.56
CA PHE A 151 -7.42 23.70 18.25
C PHE A 151 -6.83 22.69 19.21
N MET A 152 -7.63 21.68 19.57
CA MET A 152 -7.15 20.55 20.37
C MET A 152 -7.70 19.25 19.79
N LEU A 153 -6.79 18.33 19.45
CA LEU A 153 -7.19 17.06 18.83
C LEU A 153 -8.21 16.34 19.71
N PRO A 154 -9.44 16.14 19.20
CA PRO A 154 -10.46 15.45 19.99
C PRO A 154 -10.08 14.02 20.43
N ASP A 155 -10.71 13.58 21.51
CA ASP A 155 -10.35 12.33 22.17
C ASP A 155 -10.47 11.10 21.28
N ASP A 156 -11.52 11.05 20.47
CA ASP A 156 -11.70 9.92 19.55
C ASP A 156 -10.50 9.78 18.63
N ASP A 157 -9.94 10.91 18.20
CA ASP A 157 -8.83 10.93 17.28
C ASP A 157 -7.55 10.53 17.99
N VAL A 158 -7.39 10.99 19.24
CA VAL A 158 -6.25 10.57 20.05
C VAL A 158 -6.29 9.07 20.29
N GLN A 159 -7.44 8.56 20.73
CA GLN A 159 -7.61 7.11 20.92
C GLN A 159 -7.28 6.33 19.64
N GLY A 160 -7.72 6.84 18.50
CA GLY A 160 -7.51 6.16 17.23
C GLY A 160 -6.05 6.09 16.82
N ILE A 161 -5.39 7.23 16.83
CA ILE A 161 -3.99 7.29 16.39
C ILE A 161 -3.07 6.53 17.35
N GLN A 162 -3.35 6.61 18.65
CA GLN A 162 -2.55 5.88 19.65
C GLN A 162 -2.76 4.37 19.58
N SER A 163 -3.92 3.94 19.08
CA SER A 163 -4.17 2.52 18.81
C SER A 163 -3.15 2.00 17.81
N LEU A 164 -2.77 2.84 16.84
CA LEU A 164 -1.78 2.46 15.82
C LEU A 164 -0.34 2.65 16.26
N TYR A 165 -0.02 3.81 16.86
CA TYR A 165 1.38 4.17 17.10
C TYR A 165 1.84 4.25 18.56
N GLY A 166 0.90 4.08 19.49
CA GLY A 166 1.16 4.35 20.90
C GLY A 166 1.17 5.84 21.18
N PRO A 167 1.31 6.23 22.45
CA PRO A 167 1.26 7.63 22.88
C PRO A 167 2.57 8.41 22.74
N GLY A 168 3.68 7.70 22.59
CA GLY A 168 5.00 8.33 22.69
C GLY A 168 5.17 8.88 24.10
N ASP A 169 5.93 9.97 24.22
CA ASP A 169 6.11 10.59 25.53
C ASP A 169 4.78 11.18 25.98
N GLU A 170 4.30 10.75 27.15
CA GLU A 170 3.01 11.15 27.66
C GLU A 170 3.05 12.50 28.39
N ASP A 171 4.26 12.99 28.67
CA ASP A 171 4.42 14.33 29.27
C ASP A 171 5.62 15.06 28.65
N TYR B 3 -13.69 6.01 16.41
CA TYR B 3 -12.71 6.03 15.29
C TYR B 3 -12.75 4.75 14.47
N ASN B 4 -12.16 4.80 13.29
CA ASN B 4 -11.89 3.63 12.48
C ASN B 4 -10.47 3.69 11.91
N VAL B 5 -9.86 2.51 11.76
CA VAL B 5 -8.58 2.38 11.08
C VAL B 5 -8.86 1.72 9.73
N PHE B 6 -7.83 1.60 8.90
CA PHE B 6 -7.93 0.82 7.67
C PHE B 6 -7.60 -0.63 8.03
N PRO B 7 -8.62 -1.51 8.01
CA PRO B 7 -8.38 -2.88 8.47
C PRO B 7 -7.69 -3.70 7.39
N ARG B 8 -6.87 -4.64 7.83
CA ARG B 8 -6.02 -5.42 6.94
C ARG B 8 -6.36 -6.88 7.12
N THR B 9 -6.87 -7.51 6.06
CA THR B 9 -7.16 -8.94 6.08
C THR B 9 -5.84 -9.69 6.22
N LEU B 10 -5.61 -10.29 7.38
CA LEU B 10 -4.32 -10.91 7.70
C LEU B 10 -4.17 -12.29 7.07
N LYS B 11 -5.29 -12.93 6.77
CA LYS B 11 -5.26 -14.18 6.06
C LYS B 11 -6.60 -14.42 5.35
N TRP B 12 -6.57 -15.21 4.28
CA TRP B 12 -7.81 -15.59 3.62
C TRP B 12 -8.65 -16.39 4.61
N SER B 13 -9.94 -16.05 4.72
CA SER B 13 -10.84 -16.73 5.65
C SER B 13 -11.41 -18.02 5.05
N LYS B 14 -11.08 -18.30 3.79
CA LYS B 14 -11.46 -19.56 3.12
C LYS B 14 -10.20 -20.28 2.66
N MET B 15 -10.25 -21.61 2.63
CA MET B 15 -9.09 -22.41 2.21
C MET B 15 -9.07 -22.65 0.70
N ASN B 16 -10.23 -22.60 0.06
CA ASN B 16 -10.31 -22.80 -1.38
C ASN B 16 -10.29 -21.44 -2.08
N LEU B 17 -9.20 -21.21 -2.81
CA LEU B 17 -8.96 -19.95 -3.51
C LEU B 17 -8.92 -20.15 -5.01
N THR B 18 -9.32 -19.13 -5.76
CA THR B 18 -9.24 -19.17 -7.21
C THR B 18 -8.22 -18.19 -7.78
N TYR B 19 -7.66 -18.54 -8.93
CA TYR B 19 -6.79 -17.64 -9.67
C TYR B 19 -7.11 -17.65 -11.15
N ARG B 20 -6.80 -16.54 -11.81
CA ARG B 20 -7.03 -16.38 -13.23
C ARG B 20 -5.79 -15.78 -13.89
N ILE B 21 -5.31 -16.43 -14.94
CA ILE B 21 -4.24 -15.88 -15.76
C ILE B 21 -4.90 -14.99 -16.80
N VAL B 22 -4.90 -13.69 -16.55
CA VAL B 22 -5.61 -12.73 -17.39
C VAL B 22 -4.95 -12.58 -18.76
N ASN B 23 -3.62 -12.55 -18.78
CA ASN B 23 -2.86 -12.47 -20.01
C ASN B 23 -1.49 -13.12 -19.84
N TYR B 24 -0.69 -13.12 -20.92
CA TYR B 24 0.53 -13.93 -20.98
C TYR B 24 1.73 -13.19 -21.53
N THR B 25 2.90 -13.45 -20.95
CA THR B 25 4.14 -12.89 -21.46
C THR B 25 4.43 -13.36 -22.90
N PRO B 26 5.09 -12.51 -23.72
CA PRO B 26 5.66 -12.97 -24.99
C PRO B 26 6.76 -14.03 -24.85
N ASP B 27 7.42 -14.07 -23.69
CA ASP B 27 8.68 -14.79 -23.51
C ASP B 27 8.54 -16.31 -23.36
N MET B 28 7.36 -16.78 -22.99
CA MET B 28 7.14 -18.21 -22.75
C MET B 28 5.85 -18.64 -23.41
N THR B 29 5.71 -19.93 -23.70
CA THR B 29 4.46 -20.44 -24.26
C THR B 29 3.37 -20.37 -23.19
N HIS B 30 2.11 -20.42 -23.62
CA HIS B 30 0.99 -20.46 -22.70
C HIS B 30 1.17 -21.62 -21.72
N SER B 31 1.53 -22.79 -22.26
CA SER B 31 1.75 -23.99 -21.45
C SER B 31 2.84 -23.78 -20.39
N GLU B 32 3.97 -23.20 -20.79
CA GLU B 32 5.05 -22.86 -19.86
C GLU B 32 4.62 -21.91 -18.73
N VAL B 33 3.82 -20.90 -19.07
CA VAL B 33 3.33 -19.95 -18.07
C VAL B 33 2.35 -20.62 -17.10
N GLU B 34 1.42 -21.41 -17.63
CA GLU B 34 0.44 -22.10 -16.81
C GLU B 34 1.14 -23.09 -15.86
N LYS B 35 2.17 -23.73 -16.37
CA LYS B 35 2.95 -24.69 -15.60
C LYS B 35 3.73 -24.02 -14.46
N ALA B 36 4.29 -22.85 -14.73
CA ALA B 36 5.04 -22.07 -13.73
C ALA B 36 4.16 -21.59 -12.57
N PHE B 37 3.00 -21.05 -12.90
CA PHE B 37 2.08 -20.56 -11.87
C PHE B 37 1.47 -21.71 -11.05
N LYS B 38 1.08 -22.79 -11.73
CA LYS B 38 0.54 -23.98 -11.05
C LYS B 38 1.55 -24.48 -10.02
N LYS B 39 2.80 -24.63 -10.45
CA LYS B 39 3.89 -25.06 -9.57
C LYS B 39 4.11 -24.07 -8.43
N ALA B 40 4.02 -22.77 -8.73
CA ALA B 40 4.21 -21.74 -7.71
C ALA B 40 3.14 -21.82 -6.62
N PHE B 41 1.89 -22.08 -7.01
CA PHE B 41 0.82 -22.28 -6.03
C PHE B 41 1.03 -23.57 -5.22
N LYS B 42 1.55 -24.61 -5.87
CA LYS B 42 1.74 -25.92 -5.24
C LYS B 42 2.73 -25.84 -4.07
N VAL B 43 3.72 -24.97 -4.20
CA VAL B 43 4.67 -24.71 -3.10
C VAL B 43 3.94 -24.44 -1.79
N TRP B 44 2.88 -23.63 -1.86
CA TRP B 44 2.15 -23.21 -0.67
C TRP B 44 1.04 -24.18 -0.26
N SER B 45 0.34 -24.75 -1.24
CA SER B 45 -0.72 -25.73 -0.97
C SER B 45 -0.18 -27.06 -0.44
N ASP B 46 1.07 -27.39 -0.79
CA ASP B 46 1.72 -28.62 -0.31
C ASP B 46 1.91 -28.64 1.20
N VAL B 47 2.01 -27.46 1.83
CA VAL B 47 2.33 -27.39 3.26
C VAL B 47 1.26 -26.70 4.10
N THR B 48 0.08 -26.48 3.50
CA THR B 48 -1.08 -25.91 4.19
C THR B 48 -2.36 -26.64 3.74
N PRO B 49 -3.52 -26.26 4.31
CA PRO B 49 -4.80 -26.73 3.80
C PRO B 49 -5.32 -25.94 2.60
N LEU B 50 -4.57 -24.93 2.14
CA LEU B 50 -5.00 -24.11 1.00
C LEU B 50 -5.06 -24.92 -0.28
N ASN B 51 -6.10 -24.68 -1.07
CA ASN B 51 -6.24 -25.25 -2.41
C ASN B 51 -6.42 -24.14 -3.45
N PHE B 52 -5.85 -24.33 -4.63
CA PHE B 52 -5.96 -23.33 -5.70
C PHE B 52 -6.59 -23.91 -6.97
N THR B 53 -7.61 -23.22 -7.46
CA THR B 53 -8.33 -23.60 -8.68
C THR B 53 -8.15 -22.49 -9.71
N ARG B 54 -7.88 -22.86 -10.96
CA ARG B 54 -7.75 -21.89 -12.05
C ARG B 54 -9.11 -21.57 -12.67
N LEU B 55 -9.46 -20.29 -12.74
CA LEU B 55 -10.61 -19.83 -13.52
C LEU B 55 -10.12 -19.24 -14.84
N HIS B 56 -10.88 -19.46 -15.91
CA HIS B 56 -10.56 -18.92 -17.25
C HIS B 56 -11.24 -17.58 -17.53
N ASP B 57 -12.38 -17.36 -16.88
CA ASP B 57 -13.21 -16.19 -17.12
C ASP B 57 -13.63 -15.58 -15.80
N GLY B 58 -13.92 -14.28 -15.83
CA GLY B 58 -14.55 -13.61 -14.70
C GLY B 58 -13.59 -13.31 -13.57
N ILE B 59 -14.16 -13.05 -12.40
CA ILE B 59 -13.40 -12.63 -11.24
C ILE B 59 -12.87 -13.84 -10.47
N ALA B 60 -11.60 -13.75 -10.09
CA ALA B 60 -10.96 -14.76 -9.24
C ALA B 60 -10.29 -14.04 -8.09
N ASP B 61 -10.05 -14.76 -7.00
CA ASP B 61 -9.39 -14.19 -5.84
C ASP B 61 -8.05 -13.59 -6.25
N ILE B 62 -7.21 -14.41 -6.87
CA ILE B 62 -5.88 -13.97 -7.28
C ILE B 62 -5.83 -13.78 -8.80
N MET B 63 -6.02 -12.53 -9.24
CA MET B 63 -5.91 -12.17 -10.65
C MET B 63 -4.44 -11.98 -11.01
N ILE B 64 -3.96 -12.75 -11.98
CA ILE B 64 -2.57 -12.70 -12.44
C ILE B 64 -2.47 -12.01 -13.81
N SER B 65 -1.60 -11.01 -13.94
CA SER B 65 -1.41 -10.33 -15.21
C SER B 65 0.02 -9.83 -15.44
N PHE B 66 0.36 -9.66 -16.72
CA PHE B 66 1.64 -9.10 -17.13
C PHE B 66 1.39 -7.71 -17.66
N GLY B 67 2.26 -6.77 -17.30
CA GLY B 67 2.12 -5.38 -17.71
C GLY B 67 3.45 -4.67 -17.73
N ILE B 68 3.47 -3.46 -18.29
CA ILE B 68 4.67 -2.62 -18.28
C ILE B 68 4.30 -1.21 -17.82
N LYS B 69 5.28 -0.49 -17.31
CA LYS B 69 5.09 0.92 -16.93
C LYS B 69 3.80 1.13 -16.10
N GLU B 70 2.96 2.11 -16.43
CA GLU B 70 1.71 2.29 -15.69
C GLU B 70 0.69 1.35 -16.29
N HIS B 71 0.10 0.50 -15.45
CA HIS B 71 -0.70 -0.63 -15.92
C HIS B 71 -2.00 -0.83 -15.15
N GLY B 72 -2.48 0.22 -14.48
CA GLY B 72 -3.83 0.22 -13.91
C GLY B 72 -3.98 0.34 -12.41
N ASP B 73 -2.88 0.45 -11.67
CA ASP B 73 -2.95 0.57 -10.20
C ASP B 73 -2.13 1.73 -9.59
N PHE B 74 -1.48 2.52 -10.45
CA PHE B 74 -0.60 3.62 -10.03
C PHE B 74 0.62 3.20 -9.20
N TYR B 75 0.97 1.91 -9.32
CA TYR B 75 2.26 1.40 -8.87
C TYR B 75 3.05 1.02 -10.13
N PRO B 76 3.50 2.02 -10.90
CA PRO B 76 4.03 1.71 -12.22
C PRO B 76 5.30 0.85 -12.17
N PHE B 77 5.48 0.03 -13.20
CA PHE B 77 6.73 -0.70 -13.38
C PHE B 77 7.75 0.24 -14.00
N ASP B 78 8.98 -0.24 -14.17
CA ASP B 78 10.12 0.65 -14.41
C ASP B 78 11.06 0.20 -15.53
N GLY B 79 10.54 -0.56 -16.50
CA GLY B 79 11.38 -1.09 -17.57
C GLY B 79 12.25 -2.24 -17.08
N PRO B 80 13.20 -2.68 -17.91
CA PRO B 80 14.06 -3.82 -17.55
C PRO B 80 14.73 -3.65 -16.17
N SER B 81 14.81 -4.75 -15.42
CA SER B 81 15.49 -4.77 -14.11
C SER B 81 14.73 -3.97 -13.05
N GLY B 82 15.34 -3.81 -11.88
CA GLY B 82 14.68 -3.14 -10.76
C GLY B 82 13.46 -3.89 -10.26
N LEU B 83 12.31 -3.22 -10.24
CA LEU B 83 11.05 -3.84 -9.84
C LEU B 83 10.71 -4.94 -10.84
N LEU B 84 10.58 -6.18 -10.37
CA LEU B 84 10.28 -7.33 -11.23
C LEU B 84 8.79 -7.66 -11.26
N ALA B 85 8.15 -7.48 -10.11
CA ALA B 85 6.74 -7.82 -9.95
C ALA B 85 6.25 -7.28 -8.61
N HIS B 86 4.94 -7.29 -8.41
CA HIS B 86 4.39 -7.06 -7.09
C HIS B 86 3.05 -7.75 -6.92
N ALA B 87 2.67 -7.94 -5.66
CA ALA B 87 1.39 -8.54 -5.32
C ALA B 87 0.77 -7.83 -4.13
N PHE B 88 -0.55 -7.97 -4.00
CA PHE B 88 -1.28 -7.30 -2.94
C PHE B 88 -1.58 -8.30 -1.84
N PRO B 89 -1.57 -7.84 -0.57
CA PRO B 89 -1.90 -8.77 0.51
C PRO B 89 -3.35 -9.28 0.41
N PRO B 90 -3.70 -10.33 1.16
CA PRO B 90 -5.06 -10.87 1.12
C PRO B 90 -6.14 -9.81 1.30
N GLY B 91 -7.29 -10.03 0.67
CA GLY B 91 -8.41 -9.09 0.70
C GLY B 91 -9.22 -9.12 -0.58
N PRO B 92 -10.33 -8.36 -0.60
CA PRO B 92 -11.18 -8.24 -1.79
C PRO B 92 -10.58 -7.34 -2.85
N ASN B 93 -11.12 -7.42 -4.07
CA ASN B 93 -10.66 -6.61 -5.19
C ASN B 93 -9.17 -6.85 -5.49
N TYR B 94 -8.35 -5.81 -5.41
CA TYR B 94 -6.93 -5.92 -5.75
C TYR B 94 -6.18 -6.90 -4.83
N GLY B 95 -6.70 -7.14 -3.64
CA GLY B 95 -6.11 -8.07 -2.70
C GLY B 95 -5.85 -9.44 -3.30
N GLY B 96 -4.62 -9.91 -3.12
CA GLY B 96 -4.19 -11.19 -3.67
C GLY B 96 -3.57 -11.11 -5.06
N ASP B 97 -3.91 -10.07 -5.83
CA ASP B 97 -3.52 -10.00 -7.24
C ASP B 97 -2.02 -9.88 -7.40
N ALA B 98 -1.50 -10.41 -8.52
CA ALA B 98 -0.08 -10.40 -8.79
C ALA B 98 0.19 -9.89 -10.21
N HIS B 99 1.03 -8.86 -10.29
CA HIS B 99 1.37 -8.22 -11.54
C HIS B 99 2.86 -8.42 -11.79
N PHE B 100 3.20 -8.84 -13.01
CA PHE B 100 4.58 -9.11 -13.40
C PHE B 100 5.04 -8.17 -14.50
N ASP B 101 6.18 -7.51 -14.29
CA ASP B 101 6.72 -6.55 -15.24
C ASP B 101 7.21 -7.24 -16.50
N ASP B 102 6.52 -7.01 -17.62
CA ASP B 102 6.86 -7.71 -18.85
C ASP B 102 7.96 -6.99 -19.63
N ASP B 103 8.57 -5.97 -19.03
CA ASP B 103 9.86 -5.48 -19.52
C ASP B 103 11.02 -6.36 -19.02
N GLU B 104 10.70 -7.35 -18.18
CA GLU B 104 11.66 -8.37 -17.76
C GLU B 104 11.60 -9.52 -18.73
N THR B 105 12.70 -10.25 -18.88
CA THR B 105 12.68 -11.50 -19.63
C THR B 105 12.35 -12.65 -18.69
N TRP B 106 11.20 -13.26 -18.93
CA TRP B 106 10.70 -14.38 -18.12
C TRP B 106 11.03 -15.71 -18.77
N THR B 107 11.44 -16.69 -17.96
CA THR B 107 11.91 -17.96 -18.50
C THR B 107 11.49 -19.16 -17.64
N SER B 108 11.42 -20.32 -18.28
CA SER B 108 11.23 -21.60 -17.59
C SER B 108 12.52 -22.10 -16.96
N SER B 109 13.67 -21.61 -17.43
CA SER B 109 14.99 -21.98 -16.90
C SER B 109 15.72 -20.77 -16.32
N SER B 110 16.89 -20.41 -16.87
CA SER B 110 17.79 -19.44 -16.21
C SER B 110 18.09 -18.15 -16.98
N LYS B 111 17.71 -18.07 -18.25
CA LYS B 111 18.05 -16.93 -19.11
C LYS B 111 17.05 -15.80 -18.90
N GLY B 112 17.25 -15.06 -17.81
CA GLY B 112 16.33 -14.02 -17.37
C GLY B 112 15.87 -14.30 -15.96
N TYR B 113 14.65 -13.92 -15.64
CA TYR B 113 14.07 -14.22 -14.33
C TYR B 113 13.15 -15.43 -14.45
N ASN B 114 13.43 -16.44 -13.64
CA ASN B 114 12.62 -17.64 -13.61
C ASN B 114 11.22 -17.28 -13.11
N LEU B 115 10.20 -17.49 -13.95
CA LEU B 115 8.85 -17.07 -13.62
C LEU B 115 8.31 -17.80 -12.38
N PHE B 116 8.54 -19.12 -12.30
CA PHE B 116 8.06 -19.93 -11.19
C PHE B 116 8.55 -19.39 -9.85
N LEU B 117 9.83 -19.07 -9.81
CA LEU B 117 10.51 -18.62 -8.60
C LEU B 117 9.95 -17.27 -8.13
N VAL B 118 9.87 -16.31 -9.03
CA VAL B 118 9.34 -14.99 -8.68
C VAL B 118 7.86 -15.10 -8.32
N ALA B 119 7.11 -15.89 -9.08
CA ALA B 119 5.69 -16.12 -8.77
C ALA B 119 5.45 -16.72 -7.39
N ALA B 120 6.24 -17.73 -7.02
CA ALA B 120 6.15 -18.32 -5.68
C ALA B 120 6.36 -17.26 -4.59
N HIS B 121 7.33 -16.38 -4.81
CA HIS B 121 7.55 -15.26 -3.89
C HIS B 121 6.32 -14.35 -3.84
N GLU B 122 5.83 -13.97 -5.02
CA GLU B 122 4.66 -13.10 -5.14
C GLU B 122 3.44 -13.69 -4.43
N PHE B 123 3.18 -14.97 -4.66
CA PHE B 123 2.02 -15.61 -4.04
C PHE B 123 2.18 -15.70 -2.51
N GLY B 124 3.43 -15.76 -2.02
CA GLY B 124 3.68 -15.60 -0.60
C GLY B 124 3.05 -14.32 -0.09
N HIS B 125 3.28 -13.22 -0.81
CA HIS B 125 2.65 -11.94 -0.49
C HIS B 125 1.12 -12.02 -0.61
N SER B 126 0.64 -12.66 -1.68
CA SER B 126 -0.80 -12.81 -1.90
C SER B 126 -1.49 -13.54 -0.75
N LEU B 127 -0.74 -14.41 -0.08
CA LEU B 127 -1.29 -15.22 1.01
C LEU B 127 -1.14 -14.60 2.40
N GLY B 128 -0.36 -13.53 2.51
CA GLY B 128 -0.21 -12.79 3.77
C GLY B 128 1.18 -12.70 4.35
N LEU B 129 2.20 -13.16 3.61
CA LEU B 129 3.59 -13.13 4.08
C LEU B 129 4.33 -11.90 3.60
N ASP B 130 4.96 -11.22 4.55
CA ASP B 130 5.85 -10.11 4.27
C ASP B 130 7.24 -10.70 4.01
N HIS B 131 8.26 -9.86 3.92
CA HIS B 131 9.62 -10.34 3.74
C HIS B 131 10.24 -10.94 5.01
N SER B 132 11.06 -11.97 4.79
CA SER B 132 11.81 -12.62 5.85
C SER B 132 13.18 -11.99 5.94
N LYS B 133 13.78 -12.10 7.12
CA LYS B 133 15.18 -11.72 7.31
C LYS B 133 16.11 -12.93 7.18
N ASP B 134 15.53 -14.12 7.02
CA ASP B 134 16.32 -15.34 6.81
C ASP B 134 16.90 -15.31 5.39
N PRO B 135 18.24 -15.27 5.26
CA PRO B 135 18.81 -15.06 3.93
C PRO B 135 18.60 -16.21 2.95
N GLY B 136 18.19 -17.38 3.44
CA GLY B 136 17.89 -18.53 2.60
C GLY B 136 16.42 -18.64 2.22
N ALA B 137 15.59 -17.77 2.77
CA ALA B 137 14.15 -17.89 2.61
C ALA B 137 13.68 -17.46 1.22
N LEU B 138 12.65 -18.14 0.73
CA LEU B 138 11.96 -17.72 -0.50
C LEU B 138 11.46 -16.29 -0.38
N MET B 139 10.99 -15.91 0.82
CA MET B 139 10.49 -14.56 1.05
C MET B 139 11.58 -13.55 1.44
N PHE B 140 12.85 -13.98 1.41
CA PHE B 140 13.96 -13.04 1.47
C PHE B 140 14.03 -12.32 0.11
N PRO B 141 13.96 -10.97 0.11
CA PRO B 141 13.76 -10.19 -1.13
C PRO B 141 14.99 -9.97 -2.04
N ILE B 142 15.74 -11.03 -2.33
CA ILE B 142 16.76 -11.00 -3.36
C ILE B 142 16.58 -12.23 -4.24
N TYR B 143 16.43 -12.03 -5.55
CA TYR B 143 16.29 -13.16 -6.48
C TYR B 143 17.60 -13.93 -6.60
N THR B 144 17.52 -15.24 -6.38
CA THR B 144 18.61 -16.15 -6.70
C THR B 144 18.06 -17.39 -7.38
N TYR B 145 18.96 -18.12 -8.02
CA TYR B 145 18.62 -19.29 -8.80
C TYR B 145 19.65 -20.36 -8.49
N THR B 146 19.20 -21.51 -8.02
CA THR B 146 20.10 -22.57 -7.57
C THR B 146 20.70 -23.36 -8.73
N GLY B 147 20.01 -23.38 -9.86
CA GLY B 147 20.38 -24.23 -10.98
C GLY B 147 19.88 -25.66 -10.87
N LYS B 148 19.13 -25.95 -9.80
CA LYS B 148 18.65 -27.31 -9.53
C LYS B 148 17.25 -27.45 -10.12
N SER B 149 16.95 -28.64 -10.65
CA SER B 149 15.63 -28.89 -11.22
C SER B 149 14.54 -28.93 -10.15
N HIS B 150 14.93 -29.25 -8.91
CA HIS B 150 13.97 -29.34 -7.80
C HIS B 150 14.09 -28.13 -6.89
N PHE B 151 12.93 -27.60 -6.50
CA PHE B 151 12.84 -26.53 -5.52
C PHE B 151 12.21 -27.07 -4.25
N MET B 152 12.86 -26.78 -3.12
CA MET B 152 12.35 -27.19 -1.82
C MET B 152 12.10 -25.94 -0.98
N LEU B 153 10.85 -25.75 -0.57
CA LEU B 153 10.45 -24.55 0.18
C LEU B 153 11.23 -24.50 1.48
N PRO B 154 12.05 -23.44 1.68
CA PRO B 154 12.83 -23.37 2.92
C PRO B 154 11.94 -23.40 4.17
N ASP B 155 12.48 -23.94 5.28
CA ASP B 155 11.70 -24.10 6.50
C ASP B 155 11.11 -22.79 7.03
N ASP B 156 11.85 -21.69 6.92
CA ASP B 156 11.37 -20.38 7.36
C ASP B 156 10.04 -20.00 6.71
N ASP B 157 9.93 -20.27 5.41
CA ASP B 157 8.71 -19.98 4.65
C ASP B 157 7.57 -20.92 5.06
N VAL B 158 7.91 -22.19 5.30
CA VAL B 158 6.96 -23.19 5.77
C VAL B 158 6.38 -22.74 7.10
N GLN B 159 7.25 -22.37 8.03
CA GLN B 159 6.84 -21.91 9.35
C GLN B 159 5.98 -20.67 9.25
N GLY B 160 6.38 -19.72 8.41
CA GLY B 160 5.61 -18.50 8.20
C GLY B 160 4.21 -18.75 7.70
N ILE B 161 4.08 -19.48 6.58
CA ILE B 161 2.78 -19.72 5.99
C ILE B 161 1.90 -20.58 6.92
N GLN B 162 2.52 -21.55 7.59
CA GLN B 162 1.83 -22.38 8.57
C GLN B 162 1.37 -21.61 9.81
N SER B 163 2.07 -20.53 10.15
CA SER B 163 1.65 -19.66 11.26
C SER B 163 0.30 -18.96 10.99
N LEU B 164 -0.11 -18.89 9.73
CA LEU B 164 -1.40 -18.32 9.37
C LEU B 164 -2.48 -19.37 9.09
N TYR B 165 -2.12 -20.41 8.33
CA TYR B 165 -3.10 -21.38 7.83
C TYR B 165 -2.99 -22.76 8.47
N GLY B 166 -1.88 -23.01 9.17
CA GLY B 166 -1.63 -24.33 9.75
C GLY B 166 -1.02 -25.27 8.73
N PRO B 167 -0.73 -26.52 9.14
CA PRO B 167 -0.17 -27.51 8.24
C PRO B 167 -1.23 -28.21 7.40
N GLY B 168 -0.79 -29.00 6.43
CA GLY B 168 -1.70 -29.77 5.59
C GLY B 168 -2.13 -31.08 6.22
#